data_9R6M
#
_entry.id   9R6M
#
_cell.length_a   98.975
_cell.length_b   99.478
_cell.length_c   102.376
_cell.angle_alpha   90.00
_cell.angle_beta   90.00
_cell.angle_gamma   90.00
#
_symmetry.space_group_name_H-M   'P 21 21 21'
#
loop_
_entity.id
_entity.type
_entity.pdbx_description
1 polymer 'Chloroplast triosephosphate isomerase'
2 non-polymer 'PHOSPHATE ION'
3 water water
#
_entity_poly.entity_id   1
_entity_poly.type   'polypeptide(L)'
_entity_poly.pdbx_seq_one_letter_code
;ASSAKFFVGGNWKSNGSVANVAKLVDELNAGTIPRGVDVVVAPPFIYIDYVMQHLDRDKYQLSAQNAWIGGNGAFTGEVS
AEQLTDFGVPWVILGHSERRSLFGESNEVVAKKTSHALAAGLGVIACIGETLEQRNSGSVFKVLDAQMDALVDEVKDWTK
VVLAYEPVWAIGTGVVASPEQAQEVHAYLRQYCAKKLGAAVADKLRIIYGGSVSDTNCKDLSKQEDIDGFLVGGASLKGA
AFVTICNAAGPKAKP
;
_entity_poly.pdbx_strand_id   A,B
#
# COMPACT_ATOMS: atom_id res chain seq x y z
N ALA A 4 -19.66 25.41 -1.13
CA ALA A 4 -18.69 25.24 -0.06
C ALA A 4 -18.73 23.82 0.50
N LYS A 5 -19.90 23.40 0.97
CA LYS A 5 -20.11 22.08 1.55
C LYS A 5 -18.91 21.65 2.40
N PHE A 6 -18.77 22.25 3.57
CA PHE A 6 -17.69 22.04 4.54
C PHE A 6 -17.13 20.62 4.49
N PHE A 7 -15.88 20.47 4.07
CA PHE A 7 -15.26 19.17 3.87
C PHE A 7 -14.44 18.80 5.09
N VAL A 8 -14.85 17.74 5.79
CA VAL A 8 -14.14 17.25 6.97
C VAL A 8 -13.57 15.88 6.64
N GLY A 9 -12.24 15.82 6.48
CA GLY A 9 -11.58 14.56 6.24
C GLY A 9 -11.06 13.93 7.52
N GLY A 10 -10.86 12.62 7.46
CA GLY A 10 -10.38 11.88 8.62
C GLY A 10 -9.42 10.78 8.21
N ASN A 11 -8.13 11.06 8.30
CA ASN A 11 -7.10 10.15 7.80
C ASN A 11 -6.55 9.36 8.98
N TRP A 12 -6.98 8.10 9.09
CA TRP A 12 -6.57 7.25 10.21
C TRP A 12 -5.09 6.91 10.15
N LYS A 13 -4.47 7.00 8.96
CA LYS A 13 -3.06 6.69 8.75
C LYS A 13 -2.77 5.23 9.09
N SER A 14 -1.50 4.87 9.22
CA SER A 14 -1.13 3.48 9.50
C SER A 14 -1.57 3.06 10.90
N ASN A 15 -2.87 2.93 11.11
CA ASN A 15 -3.42 2.60 12.42
C ASN A 15 -4.62 1.68 12.24
N GLY A 16 -4.83 0.80 13.21
CA GLY A 16 -6.02 -0.01 13.22
C GLY A 16 -5.78 -1.39 13.77
N SER A 17 -6.87 -1.99 14.25
CA SER A 17 -6.92 -3.39 14.60
C SER A 17 -8.35 -3.86 14.34
N VAL A 18 -8.58 -5.16 14.48
CA VAL A 18 -9.92 -5.70 14.29
C VAL A 18 -10.88 -5.10 15.30
N ALA A 19 -10.41 -4.83 16.52
CA ALA A 19 -11.26 -4.25 17.55
C ALA A 19 -11.43 -2.75 17.36
N ASN A 20 -10.33 -2.02 17.17
CA ASN A 20 -10.39 -0.56 17.09
C ASN A 20 -11.16 -0.09 15.87
N VAL A 21 -10.83 -0.63 14.70
CA VAL A 21 -11.52 -0.22 13.47
C VAL A 21 -13.02 -0.46 13.60
N ALA A 22 -13.39 -1.61 14.15
CA ALA A 22 -14.80 -1.89 14.40
C ALA A 22 -15.37 -0.93 15.44
N LYS A 23 -14.63 -0.71 16.53
CA LYS A 23 -15.07 0.19 17.58
C LYS A 23 -15.26 1.61 17.06
N LEU A 24 -14.38 2.05 16.15
CA LEU A 24 -14.46 3.41 15.63
C LEU A 24 -15.66 3.59 14.70
N VAL A 25 -16.06 2.54 13.98
CA VAL A 25 -17.24 2.64 13.13
C VAL A 25 -18.50 2.75 13.98
N ASP A 26 -18.55 2.03 15.11
CA ASP A 26 -19.67 2.17 16.03
C ASP A 26 -19.71 3.57 16.63
N GLU A 27 -18.55 4.13 16.96
CA GLU A 27 -18.50 5.49 17.48
C GLU A 27 -18.83 6.51 16.40
N LEU A 28 -18.44 6.24 15.16
CA LEU A 28 -18.76 7.16 14.07
C LEU A 28 -20.23 7.05 13.66
N ASN A 29 -20.77 5.84 13.64
CA ASN A 29 -22.19 5.66 13.39
C ASN A 29 -23.05 6.25 14.50
N ALA A 30 -22.51 6.37 15.70
CA ALA A 30 -23.30 6.83 16.84
C ALA A 30 -23.59 8.32 16.73
N GLY A 31 -22.56 9.14 16.62
CA GLY A 31 -22.73 10.58 16.59
C GLY A 31 -23.52 11.06 15.38
N THR A 32 -23.98 12.30 15.48
CA THR A 32 -24.77 12.93 14.44
C THR A 32 -23.94 13.98 13.70
N ILE A 33 -24.16 14.07 12.40
CA ILE A 33 -23.40 14.96 11.53
C ILE A 33 -24.34 16.01 10.96
N PRO A 34 -23.93 17.29 10.91
CA PRO A 34 -24.85 18.34 10.43
C PRO A 34 -25.37 18.05 9.03
N ARG A 35 -26.67 18.30 8.83
CA ARG A 35 -27.34 18.03 7.57
C ARG A 35 -26.78 18.89 6.45
N GLY A 36 -25.82 18.36 5.69
CA GLY A 36 -25.25 19.07 4.57
C GLY A 36 -23.75 19.30 4.70
N VAL A 37 -23.03 18.27 5.13
CA VAL A 37 -21.58 18.35 5.35
C VAL A 37 -20.94 17.15 4.69
N ASP A 38 -19.90 17.39 3.89
CA ASP A 38 -19.11 16.31 3.31
C ASP A 38 -18.12 15.81 4.35
N VAL A 39 -18.33 14.60 4.85
CA VAL A 39 -17.44 13.97 5.81
C VAL A 39 -16.85 12.73 5.16
N VAL A 40 -15.54 12.56 5.30
CA VAL A 40 -14.80 11.52 4.58
C VAL A 40 -13.78 10.91 5.53
N VAL A 41 -13.84 9.59 5.71
CA VAL A 41 -12.87 8.86 6.50
C VAL A 41 -12.03 8.00 5.56
N ALA A 42 -10.78 7.77 5.94
CA ALA A 42 -9.82 7.07 5.10
C ALA A 42 -9.08 6.04 5.94
N PRO A 43 -9.63 4.84 6.09
CA PRO A 43 -8.93 3.78 6.81
C PRO A 43 -7.83 3.19 5.95
N PRO A 44 -6.89 2.47 6.54
CA PRO A 44 -5.89 1.76 5.72
C PRO A 44 -6.55 0.66 4.88
N PHE A 45 -5.84 0.25 3.83
CA PHE A 45 -6.46 -0.49 2.73
C PHE A 45 -7.23 -1.72 3.20
N ILE A 46 -6.67 -2.49 4.13
CA ILE A 46 -7.26 -3.77 4.47
C ILE A 46 -8.63 -3.64 5.14
N TYR A 47 -8.93 -2.48 5.75
CA TYR A 47 -10.20 -2.28 6.43
C TYR A 47 -11.24 -1.58 5.58
N ILE A 48 -10.92 -1.21 4.34
CA ILE A 48 -11.87 -0.48 3.50
C ILE A 48 -13.11 -1.32 3.23
N ASP A 49 -12.98 -2.64 3.22
CA ASP A 49 -14.13 -3.50 2.96
C ASP A 49 -15.12 -3.45 4.14
N TYR A 50 -14.63 -3.71 5.35
CA TYR A 50 -15.50 -3.67 6.53
C TYR A 50 -16.19 -2.32 6.67
N VAL A 51 -15.42 -1.23 6.63
CA VAL A 51 -15.99 0.10 6.88
C VAL A 51 -17.09 0.40 5.87
N MET A 52 -16.85 0.09 4.60
CA MET A 52 -17.86 0.36 3.58
C MET A 52 -19.15 -0.41 3.85
N GLN A 53 -19.06 -1.60 4.42
CA GLN A 53 -20.22 -2.43 4.71
C GLN A 53 -20.78 -2.21 6.10
N HIS A 54 -20.25 -1.24 6.85
CA HIS A 54 -20.67 -1.05 8.24
C HIS A 54 -20.87 0.42 8.57
N LEU A 55 -20.03 1.29 8.00
CA LEU A 55 -20.20 2.71 8.22
C LEU A 55 -21.47 3.21 7.54
N ASP A 56 -22.04 4.28 8.09
CA ASP A 56 -23.34 4.76 7.63
C ASP A 56 -23.23 5.35 6.23
N ARG A 57 -23.95 4.75 5.28
CA ARG A 57 -23.97 5.25 3.91
C ARG A 57 -24.37 6.72 3.84
N ASP A 58 -25.46 7.06 4.54
CA ASP A 58 -26.09 8.37 4.41
C ASP A 58 -25.34 9.49 5.12
N LYS A 59 -24.36 9.17 5.97
CA LYS A 59 -23.67 10.18 6.76
C LYS A 59 -22.18 10.27 6.51
N TYR A 60 -21.56 9.25 5.91
CA TYR A 60 -20.13 9.24 5.68
C TYR A 60 -19.83 8.73 4.28
N GLN A 61 -18.63 9.09 3.79
CA GLN A 61 -18.08 8.53 2.57
C GLN A 61 -16.68 8.02 2.87
N LEU A 62 -16.20 7.10 2.04
CA LEU A 62 -14.92 6.46 2.24
C LEU A 62 -13.83 7.16 1.43
N SER A 63 -12.59 6.77 1.70
CA SER A 63 -11.45 7.33 0.99
C SER A 63 -10.27 6.38 1.11
N ALA A 64 -9.43 6.38 0.08
CA ALA A 64 -8.19 5.62 0.10
C ALA A 64 -7.06 6.51 0.57
N GLN A 65 -6.13 5.93 1.32
CA GLN A 65 -5.00 6.69 1.84
C GLN A 65 -3.95 6.98 0.79
N ASN A 66 -4.00 6.30 -0.35
CA ASN A 66 -3.01 6.44 -1.41
C ASN A 66 -3.48 5.65 -2.62
N ALA A 67 -2.91 5.97 -3.79
CA ALA A 67 -3.20 5.23 -5.00
C ALA A 67 -1.95 5.22 -5.87
N TRP A 68 -1.88 4.22 -6.75
CA TRP A 68 -0.72 4.05 -7.61
C TRP A 68 -0.73 5.08 -8.74
N ILE A 69 0.47 5.49 -9.16
CA ILE A 69 0.62 6.50 -10.20
C ILE A 69 0.12 5.99 -11.55
N GLY A 70 0.20 4.69 -11.79
CA GLY A 70 -0.31 4.09 -13.00
C GLY A 70 -1.57 3.28 -12.75
N GLY A 71 -2.02 2.63 -13.82
CA GLY A 71 -3.18 1.76 -13.73
C GLY A 71 -2.83 0.43 -13.10
N ASN A 72 -3.41 -0.65 -13.63
CA ASN A 72 -3.08 -1.99 -13.14
C ASN A 72 -1.75 -2.44 -13.72
N GLY A 73 -1.48 -3.74 -13.66
CA GLY A 73 -0.23 -4.29 -14.17
C GLY A 73 0.66 -4.78 -13.05
N ALA A 74 1.81 -5.31 -13.47
CA ALA A 74 2.77 -5.90 -12.55
C ALA A 74 3.37 -4.86 -11.62
N PHE A 75 2.70 -4.57 -10.50
CA PHE A 75 3.18 -3.60 -9.51
C PHE A 75 2.91 -4.18 -8.13
N THR A 76 3.88 -4.96 -7.62
CA THR A 76 3.70 -5.66 -6.36
C THR A 76 3.46 -4.68 -5.23
N GLY A 77 2.35 -4.85 -4.52
CA GLY A 77 2.08 -4.07 -3.33
C GLY A 77 1.07 -2.96 -3.53
N GLU A 78 1.17 -2.24 -4.64
CA GLU A 78 0.41 -1.02 -4.82
C GLU A 78 -1.03 -1.29 -5.24
N VAL A 79 -1.87 -0.28 -5.05
CA VAL A 79 -3.28 -0.34 -5.41
C VAL A 79 -3.55 0.76 -6.43
N SER A 80 -4.25 0.41 -7.50
CA SER A 80 -4.48 1.32 -8.61
C SER A 80 -5.71 2.20 -8.36
N ALA A 81 -5.80 3.28 -9.13
CA ALA A 81 -6.98 4.13 -9.06
C ALA A 81 -8.20 3.46 -9.68
N GLU A 82 -7.97 2.57 -10.66
CA GLU A 82 -9.08 1.80 -11.23
C GLU A 82 -9.63 0.80 -10.22
N GLN A 83 -8.73 0.16 -9.45
CA GLN A 83 -9.13 -0.82 -8.45
C GLN A 83 -9.97 -0.22 -7.33
N LEU A 84 -10.02 1.12 -7.23
CA LEU A 84 -10.74 1.79 -6.16
C LEU A 84 -12.13 2.25 -6.57
N THR A 85 -12.31 2.67 -7.82
CA THR A 85 -13.62 3.14 -8.27
C THR A 85 -14.58 1.98 -8.44
N ASP A 86 -14.12 0.87 -9.04
CA ASP A 86 -14.95 -0.32 -9.15
C ASP A 86 -15.26 -0.93 -7.79
N PHE A 87 -14.44 -0.64 -6.79
CA PHE A 87 -14.64 -1.18 -5.45
C PHE A 87 -15.70 -0.42 -4.67
N GLY A 88 -15.96 0.83 -5.04
CA GLY A 88 -16.92 1.68 -4.35
C GLY A 88 -16.32 2.91 -3.71
N VAL A 89 -15.00 2.97 -3.56
CA VAL A 89 -14.36 4.12 -2.92
C VAL A 89 -14.55 5.36 -3.79
N PRO A 90 -14.92 6.52 -3.21
CA PRO A 90 -15.10 7.71 -4.03
C PRO A 90 -13.98 8.74 -3.89
N TRP A 91 -13.11 8.59 -2.90
CA TRP A 91 -12.08 9.57 -2.60
C TRP A 91 -10.73 8.89 -2.45
N VAL A 92 -9.68 9.70 -2.43
CA VAL A 92 -8.32 9.22 -2.21
C VAL A 92 -7.41 10.39 -1.83
N ILE A 93 -6.62 10.23 -0.78
CA ILE A 93 -5.66 11.24 -0.36
C ILE A 93 -4.34 10.97 -1.06
N LEU A 94 -3.87 11.96 -1.81
CA LEU A 94 -2.65 11.83 -2.61
C LEU A 94 -1.68 12.93 -2.23
N GLY A 95 -0.41 12.56 -2.11
CA GLY A 95 0.62 13.53 -1.84
C GLY A 95 0.72 13.98 -0.39
N HIS A 96 0.33 13.12 0.55
CA HIS A 96 0.44 13.47 1.96
C HIS A 96 1.89 13.73 2.32
N SER A 97 2.09 14.66 3.27
CA SER A 97 3.44 15.10 3.60
C SER A 97 4.32 13.97 4.12
N GLU A 98 3.72 12.90 4.66
CA GLU A 98 4.50 11.72 5.02
C GLU A 98 4.88 10.90 3.79
N ARG A 99 4.03 10.89 2.77
CA ARG A 99 4.37 10.25 1.51
C ARG A 99 5.49 10.98 0.79
N ARG A 100 5.42 12.32 0.77
CA ARG A 100 6.40 13.11 0.03
C ARG A 100 7.80 12.95 0.61
N SER A 101 7.92 12.98 1.94
CA SER A 101 9.22 12.98 2.60
C SER A 101 9.80 11.57 2.74
N LEU A 102 9.02 10.63 3.26
CA LEU A 102 9.55 9.29 3.52
C LEU A 102 9.78 8.52 2.23
N PHE A 103 8.76 8.44 1.38
CA PHE A 103 8.81 7.62 0.17
C PHE A 103 9.29 8.39 -1.06
N GLY A 104 9.49 9.69 -0.94
CA GLY A 104 10.01 10.46 -2.06
C GLY A 104 9.03 10.70 -3.17
N GLU A 105 7.74 10.89 -2.85
CA GLU A 105 6.74 11.23 -3.85
C GLU A 105 7.05 12.62 -4.38
N SER A 106 7.61 12.68 -5.60
CA SER A 106 8.02 13.95 -6.17
C SER A 106 6.82 14.87 -6.39
N ASN A 107 7.12 16.16 -6.56
CA ASN A 107 6.07 17.15 -6.78
C ASN A 107 5.28 16.85 -8.05
N GLU A 108 5.94 16.31 -9.08
CA GLU A 108 5.26 15.99 -10.32
C GLU A 108 4.55 14.66 -10.24
N VAL A 109 5.10 13.70 -9.50
CA VAL A 109 4.41 12.42 -9.28
C VAL A 109 3.07 12.65 -8.59
N VAL A 110 3.05 13.51 -7.57
CA VAL A 110 1.82 13.80 -6.86
C VAL A 110 0.81 14.47 -7.79
N ALA A 111 1.30 15.31 -8.70
CA ALA A 111 0.42 15.92 -9.69
C ALA A 111 -0.05 14.89 -10.72
N LYS A 112 0.86 14.01 -11.16
CA LYS A 112 0.46 12.93 -12.05
C LYS A 112 -0.51 11.98 -11.36
N LYS A 113 -0.27 11.69 -10.08
CA LYS A 113 -1.16 10.80 -9.33
C LYS A 113 -2.55 11.39 -9.20
N THR A 114 -2.66 12.73 -9.22
CA THR A 114 -3.95 13.38 -9.01
C THR A 114 -4.79 13.38 -10.29
N SER A 115 -4.16 13.64 -11.44
CA SER A 115 -4.90 13.63 -12.69
C SER A 115 -5.23 12.22 -13.14
N HIS A 116 -4.33 11.26 -12.88
CA HIS A 116 -4.62 9.87 -13.20
C HIS A 116 -5.79 9.36 -12.37
N ALA A 117 -5.80 9.65 -11.07
CA ALA A 117 -6.88 9.20 -10.20
C ALA A 117 -8.19 9.92 -10.52
N LEU A 118 -8.11 11.15 -11.03
CA LEU A 118 -9.31 11.86 -11.43
C LEU A 118 -9.93 11.25 -12.68
N ALA A 119 -9.10 10.94 -13.68
CA ALA A 119 -9.60 10.34 -14.92
C ALA A 119 -10.10 8.92 -14.71
N ALA A 120 -9.76 8.29 -13.59
CA ALA A 120 -10.20 6.94 -13.27
C ALA A 120 -11.51 6.93 -12.49
N GLY A 121 -12.16 8.08 -12.33
CA GLY A 121 -13.47 8.15 -11.69
C GLY A 121 -13.47 8.52 -10.23
N LEU A 122 -12.31 8.84 -9.63
CA LEU A 122 -12.20 9.13 -8.22
C LEU A 122 -12.24 10.64 -7.97
N GLY A 123 -12.24 11.01 -6.70
CA GLY A 123 -11.99 12.38 -6.28
C GLY A 123 -10.75 12.40 -5.41
N VAL A 124 -10.03 13.53 -5.46
CA VAL A 124 -8.71 13.62 -4.83
C VAL A 124 -8.75 14.69 -3.77
N ILE A 125 -8.28 14.34 -2.56
CA ILE A 125 -7.93 15.31 -1.54
C ILE A 125 -6.44 15.61 -1.74
N ALA A 126 -6.15 16.66 -2.51
CA ALA A 126 -4.78 17.01 -2.83
C ALA A 126 -4.11 17.69 -1.65
N CYS A 127 -2.90 17.24 -1.30
CA CYS A 127 -2.18 17.74 -0.14
C CYS A 127 -0.99 18.60 -0.56
N ILE A 128 -0.77 19.68 0.18
CA ILE A 128 0.36 20.58 -0.02
C ILE A 128 0.87 21.01 1.35
N GLY A 129 1.94 21.78 1.35
CA GLY A 129 2.48 22.29 2.59
C GLY A 129 3.99 22.43 2.52
N GLU A 130 4.54 22.98 3.60
CA GLU A 130 5.97 23.28 3.69
C GLU A 130 6.52 22.68 4.97
N THR A 131 7.84 22.53 5.00
CA THR A 131 8.53 21.94 6.14
C THR A 131 8.92 23.01 7.14
N LEU A 132 9.66 22.62 8.19
CA LEU A 132 10.26 23.59 9.09
C LEU A 132 11.46 24.26 8.45
N GLU A 133 12.19 23.52 7.61
CA GLU A 133 13.26 24.12 6.81
C GLU A 133 12.72 25.21 5.90
N GLN A 134 11.45 25.12 5.50
CA GLN A 134 10.88 25.98 4.46
C GLN A 134 10.15 27.19 5.02
N ARG A 135 9.79 27.19 6.30
CA ARG A 135 9.29 28.39 6.95
C ARG A 135 10.39 29.21 7.60
N ASN A 136 11.44 28.55 8.12
CA ASN A 136 12.52 29.27 8.75
C ASN A 136 13.33 30.08 7.75
N SER A 137 13.34 29.66 6.49
CA SER A 137 14.02 30.40 5.43
C SER A 137 13.09 31.30 4.65
N GLY A 138 11.80 31.35 5.01
CA GLY A 138 10.86 32.17 4.29
C GLY A 138 10.48 31.66 2.92
N SER A 139 10.76 30.40 2.63
CA SER A 139 10.46 29.81 1.33
C SER A 139 9.00 29.40 1.19
N VAL A 140 8.13 29.81 2.13
CA VAL A 140 6.77 29.29 2.18
C VAL A 140 6.05 29.52 0.87
N PHE A 141 5.91 30.80 0.48
CA PHE A 141 5.12 31.14 -0.69
C PHE A 141 5.75 30.63 -1.98
N LYS A 142 7.05 30.37 -1.98
CA LYS A 142 7.69 29.75 -3.14
C LYS A 142 7.31 28.28 -3.24
N VAL A 143 7.21 27.60 -2.10
CA VAL A 143 6.94 26.16 -2.12
C VAL A 143 5.53 25.88 -2.63
N LEU A 144 4.53 26.58 -2.07
CA LEU A 144 3.15 26.35 -2.49
C LEU A 144 2.97 26.70 -3.96
N ASP A 145 3.61 27.76 -4.44
CA ASP A 145 3.51 28.12 -5.85
C ASP A 145 4.03 27.00 -6.74
N ALA A 146 5.08 26.31 -6.30
CA ALA A 146 5.62 25.22 -7.10
C ALA A 146 4.75 23.98 -7.00
N GLN A 147 4.30 23.64 -5.78
CA GLN A 147 3.41 22.50 -5.61
C GLN A 147 2.04 22.73 -6.24
N MET A 148 1.59 23.98 -6.31
CA MET A 148 0.21 24.20 -6.82
C MET A 148 0.30 24.31 -8.35
N ASP A 149 1.41 24.83 -8.86
CA ASP A 149 1.60 24.93 -10.32
C ASP A 149 1.52 23.52 -10.92
N ALA A 150 2.39 22.62 -10.47
CA ALA A 150 2.42 21.25 -11.04
C ALA A 150 1.02 20.66 -11.11
N LEU A 151 0.21 20.92 -10.09
CA LEU A 151 -1.18 20.42 -10.15
C LEU A 151 -1.86 21.11 -11.32
N VAL A 152 -1.95 22.44 -11.28
CA VAL A 152 -2.66 23.11 -12.36
C VAL A 152 -2.22 22.58 -13.72
N ASP A 153 -0.98 22.08 -13.81
CA ASP A 153 -0.50 21.49 -15.05
C ASP A 153 -1.32 20.25 -15.42
N GLU A 154 -1.36 19.26 -14.51
CA GLU A 154 -2.02 17.99 -14.78
C GLU A 154 -3.53 18.09 -14.67
N VAL A 155 -4.03 18.62 -13.55
CA VAL A 155 -5.46 18.60 -13.28
C VAL A 155 -6.20 19.43 -14.31
N LYS A 156 -7.14 18.82 -15.03
CA LYS A 156 -7.94 19.49 -16.04
C LYS A 156 -9.40 19.62 -15.63
N ASP A 157 -9.76 19.21 -14.42
CA ASP A 157 -11.10 19.49 -13.88
C ASP A 157 -11.00 19.47 -12.36
N TRP A 158 -11.29 20.61 -11.74
CA TRP A 158 -11.18 20.78 -10.30
C TRP A 158 -12.51 20.53 -9.60
N THR A 159 -13.49 19.96 -10.31
CA THR A 159 -14.77 19.65 -9.70
C THR A 159 -14.61 18.71 -8.51
N LYS A 160 -13.81 17.65 -8.69
CA LYS A 160 -13.64 16.59 -7.70
C LYS A 160 -12.27 16.65 -7.02
N VAL A 161 -11.78 17.86 -6.73
CA VAL A 161 -10.49 18.04 -6.07
C VAL A 161 -10.68 18.93 -4.84
N VAL A 162 -10.25 18.42 -3.69
CA VAL A 162 -10.22 19.19 -2.45
C VAL A 162 -8.76 19.44 -2.11
N LEU A 163 -8.39 20.72 -1.98
CA LEU A 163 -7.00 21.11 -1.81
C LEU A 163 -6.73 21.31 -0.33
N ALA A 164 -5.91 20.42 0.25
CA ALA A 164 -5.65 20.41 1.69
C ALA A 164 -4.28 20.98 1.98
N TYR A 165 -4.24 22.06 2.76
CA TYR A 165 -2.97 22.63 3.23
C TYR A 165 -2.52 21.89 4.48
N GLU A 166 -1.26 21.44 4.48
CA GLU A 166 -0.71 20.67 5.60
C GLU A 166 0.67 21.19 5.95
N PRO A 167 0.79 22.05 6.95
CA PRO A 167 2.11 22.48 7.42
C PRO A 167 2.83 21.32 8.10
N VAL A 168 3.99 20.95 7.56
CA VAL A 168 4.75 19.82 8.11
C VAL A 168 5.18 20.12 9.54
N TRP A 169 5.62 21.35 9.81
CA TRP A 169 5.99 21.77 11.16
C TRP A 169 4.82 21.68 12.14
N ALA A 170 3.60 21.50 11.65
CA ALA A 170 2.40 21.50 12.48
C ALA A 170 1.59 20.21 12.28
N ILE A 171 2.27 19.07 12.23
CA ILE A 171 1.57 17.79 12.14
C ILE A 171 1.61 17.13 13.51
N GLY A 172 2.33 16.00 13.63
CA GLY A 172 2.41 15.29 14.89
C GLY A 172 3.13 16.07 15.99
N THR A 173 3.83 17.14 15.61
CA THR A 173 4.51 17.97 16.60
C THR A 173 3.53 18.53 17.63
N GLY A 174 2.26 18.66 17.27
CA GLY A 174 1.25 19.22 18.13
C GLY A 174 1.04 20.72 17.93
N VAL A 175 2.05 21.42 17.42
CA VAL A 175 1.88 22.83 17.08
C VAL A 175 0.77 22.96 16.07
N VAL A 176 -0.11 23.93 16.29
CA VAL A 176 -1.24 24.20 15.41
C VAL A 176 -1.01 25.53 14.73
N ALA A 177 -1.04 25.54 13.39
CA ALA A 177 -1.02 26.81 12.67
C ALA A 177 -2.21 27.63 13.13
N SER A 178 -1.94 28.65 13.95
CA SER A 178 -2.94 29.48 14.61
C SER A 178 -3.97 29.98 13.60
N PRO A 179 -5.21 30.29 14.04
CA PRO A 179 -6.26 30.68 13.10
C PRO A 179 -5.85 31.76 12.11
N GLU A 180 -4.96 32.67 12.50
CA GLU A 180 -4.50 33.69 11.58
C GLU A 180 -3.36 33.21 10.70
N GLN A 181 -2.53 32.30 11.20
CA GLN A 181 -1.45 31.75 10.39
C GLN A 181 -1.99 30.91 9.25
N ALA A 182 -3.04 30.13 9.52
CA ALA A 182 -3.63 29.23 8.53
C ALA A 182 -4.70 29.89 7.68
N GLN A 183 -5.14 31.10 8.05
CA GLN A 183 -6.01 31.88 7.18
C GLN A 183 -5.20 32.68 6.17
N GLU A 184 -4.01 33.14 6.56
CA GLU A 184 -3.11 33.81 5.63
C GLU A 184 -2.77 32.90 4.45
N VAL A 185 -2.45 31.64 4.73
CA VAL A 185 -2.08 30.70 3.68
C VAL A 185 -3.29 30.30 2.86
N HIS A 186 -4.42 30.07 3.52
CA HIS A 186 -5.63 29.68 2.80
C HIS A 186 -6.11 30.79 1.88
N ALA A 187 -5.78 32.04 2.19
CA ALA A 187 -6.17 33.15 1.32
C ALA A 187 -5.23 33.30 0.13
N TYR A 188 -3.94 33.00 0.32
CA TYR A 188 -3.00 33.00 -0.79
C TYR A 188 -3.41 31.97 -1.83
N LEU A 189 -3.71 30.75 -1.39
CA LEU A 189 -4.04 29.67 -2.32
C LEU A 189 -5.28 29.99 -3.15
N ARG A 190 -6.22 30.75 -2.59
CA ARG A 190 -7.44 31.06 -3.33
C ARG A 190 -7.17 32.10 -4.41
N GLN A 191 -6.53 33.21 -4.05
CA GLN A 191 -6.16 34.20 -5.06
C GLN A 191 -5.12 33.65 -6.04
N TYR A 192 -4.47 32.55 -5.69
CA TYR A 192 -3.56 31.89 -6.63
C TYR A 192 -4.26 30.82 -7.44
N CYS A 193 -5.45 30.38 -7.02
CA CYS A 193 -6.29 29.57 -7.90
C CYS A 193 -7.18 30.41 -8.80
N ALA A 194 -7.49 31.64 -8.39
CA ALA A 194 -8.14 32.58 -9.30
C ALA A 194 -7.14 33.10 -10.32
N LYS A 195 -5.89 33.28 -9.90
CA LYS A 195 -4.72 33.41 -10.77
C LYS A 195 -4.85 32.60 -12.05
N LYS A 196 -4.85 31.28 -11.87
CA LYS A 196 -4.57 30.34 -12.95
C LYS A 196 -5.79 29.54 -13.39
N LEU A 197 -6.87 29.55 -12.61
CA LEU A 197 -8.09 28.84 -12.97
C LEU A 197 -9.30 29.77 -12.98
N GLY A 198 -9.11 31.06 -12.77
CA GLY A 198 -10.20 32.00 -12.69
C GLY A 198 -10.92 31.94 -11.36
N ALA A 199 -11.61 33.05 -11.04
CA ALA A 199 -12.38 33.12 -9.81
C ALA A 199 -13.61 32.23 -9.83
N ALA A 200 -14.02 31.74 -11.01
CA ALA A 200 -15.14 30.81 -11.08
C ALA A 200 -14.81 29.48 -10.42
N VAL A 201 -13.59 28.99 -10.65
CA VAL A 201 -13.15 27.73 -10.04
C VAL A 201 -12.80 27.93 -8.57
N ALA A 202 -12.08 29.01 -8.26
CA ALA A 202 -11.51 29.18 -6.93
C ALA A 202 -12.59 29.29 -5.85
N ASP A 203 -13.66 30.04 -6.13
CA ASP A 203 -14.68 30.25 -5.12
C ASP A 203 -15.39 28.94 -4.77
N LYS A 204 -15.62 28.09 -5.77
CA LYS A 204 -16.28 26.81 -5.54
C LYS A 204 -15.35 25.78 -4.91
N LEU A 205 -14.04 25.95 -5.07
CA LEU A 205 -13.08 24.95 -4.61
C LEU A 205 -13.02 24.91 -3.09
N ARG A 206 -12.83 23.70 -2.55
CA ARG A 206 -12.73 23.47 -1.11
C ARG A 206 -11.26 23.42 -0.71
N ILE A 207 -10.83 24.37 0.12
CA ILE A 207 -9.48 24.39 0.67
C ILE A 207 -9.59 24.13 2.17
N ILE A 208 -9.16 22.95 2.59
CA ILE A 208 -9.28 22.52 3.99
C ILE A 208 -7.90 22.58 4.64
N TYR A 209 -7.90 22.81 5.95
CA TYR A 209 -6.67 22.89 6.71
C TYR A 209 -6.33 21.54 7.31
N GLY A 210 -5.06 21.14 7.20
CA GLY A 210 -4.65 19.85 7.69
C GLY A 210 -3.47 19.91 8.65
N GLY A 211 -3.69 20.48 9.83
CA GLY A 211 -2.68 20.50 10.87
C GLY A 211 -3.05 19.63 12.05
N SER A 212 -2.66 20.03 13.25
CA SER A 212 -3.02 19.28 14.46
C SER A 212 -4.43 19.66 14.92
N VAL A 213 -5.40 19.42 14.03
CA VAL A 213 -6.78 19.74 14.31
C VAL A 213 -7.32 18.83 15.41
N SER A 214 -8.03 19.43 16.36
CA SER A 214 -8.70 18.67 17.40
C SER A 214 -10.02 19.38 17.73
N ASP A 215 -10.84 18.72 18.53
CA ASP A 215 -12.13 19.30 18.92
C ASP A 215 -11.96 20.62 19.67
N THR A 216 -10.78 20.88 20.22
CA THR A 216 -10.53 22.15 20.90
C THR A 216 -10.40 23.30 19.90
N ASN A 217 -9.39 23.23 19.04
CA ASN A 217 -9.03 24.33 18.15
C ASN A 217 -9.73 24.26 16.80
N CYS A 218 -10.70 23.36 16.63
CA CYS A 218 -11.44 23.33 15.37
C CYS A 218 -12.46 24.44 15.30
N LYS A 219 -13.01 24.87 16.44
CA LYS A 219 -13.98 25.96 16.45
C LYS A 219 -13.38 27.27 15.95
N ASP A 220 -12.10 27.50 16.21
CA ASP A 220 -11.45 28.76 15.89
C ASP A 220 -10.94 28.82 14.45
N LEU A 221 -10.54 27.68 13.89
CA LEU A 221 -10.14 27.66 12.48
C LEU A 221 -11.34 27.64 11.55
N SER A 222 -12.46 27.07 11.99
CA SER A 222 -13.64 26.96 11.14
C SER A 222 -14.28 28.31 10.85
N LYS A 223 -14.01 29.33 11.68
CA LYS A 223 -14.61 30.64 11.46
C LYS A 223 -13.83 31.47 10.45
N GLN A 224 -12.56 31.13 10.21
CA GLN A 224 -11.74 31.90 9.29
C GLN A 224 -12.33 31.85 7.88
N GLU A 225 -12.01 32.88 7.09
CA GLU A 225 -12.72 33.11 5.83
C GLU A 225 -12.48 31.98 4.83
N ASP A 226 -11.22 31.71 4.52
CA ASP A 226 -10.87 30.79 3.45
C ASP A 226 -10.56 29.39 3.94
N ILE A 227 -11.13 28.98 5.06
CA ILE A 227 -10.98 27.62 5.59
C ILE A 227 -12.32 26.92 5.40
N ASP A 228 -12.35 25.92 4.52
CA ASP A 228 -13.58 25.21 4.18
C ASP A 228 -13.69 23.86 4.88
N GLY A 229 -12.80 23.55 5.81
CA GLY A 229 -12.89 22.27 6.49
C GLY A 229 -11.56 21.87 7.09
N PHE A 230 -11.39 20.58 7.29
CA PHE A 230 -10.21 20.06 7.97
C PHE A 230 -9.80 18.72 7.39
N LEU A 231 -8.49 18.49 7.34
CA LEU A 231 -7.93 17.15 7.33
C LEU A 231 -7.54 16.81 8.77
N VAL A 232 -8.15 15.76 9.31
CA VAL A 232 -7.94 15.34 10.69
C VAL A 232 -7.15 14.03 10.65
N GLY A 233 -6.08 13.96 11.45
CA GLY A 233 -5.22 12.78 11.46
C GLY A 233 -5.30 12.02 12.75
N GLY A 234 -5.07 12.71 13.87
CA GLY A 234 -5.00 12.09 15.17
C GLY A 234 -6.38 12.04 15.81
N ALA A 235 -7.09 13.17 15.80
CA ALA A 235 -8.43 13.26 16.35
C ALA A 235 -9.46 12.51 15.53
N SER A 236 -9.07 11.92 14.40
CA SER A 236 -9.96 11.10 13.59
C SER A 236 -10.11 9.69 14.14
N LEU A 237 -9.29 9.31 15.11
CA LEU A 237 -9.33 7.98 15.70
C LEU A 237 -10.24 7.91 16.92
N LYS A 238 -10.73 9.05 17.40
CA LYS A 238 -11.74 9.09 18.45
C LYS A 238 -13.07 9.47 17.79
N GLY A 239 -14.04 8.55 17.83
CA GLY A 239 -15.30 8.80 17.17
C GLY A 239 -16.05 10.00 17.74
N ALA A 240 -15.91 10.24 19.05
CA ALA A 240 -16.58 11.38 19.66
C ALA A 240 -15.93 12.70 19.27
N ALA A 241 -14.59 12.74 19.28
CA ALA A 241 -13.89 13.98 18.95
C ALA A 241 -14.00 14.31 17.47
N PHE A 242 -14.04 13.30 16.60
CA PHE A 242 -14.13 13.56 15.17
C PHE A 242 -15.51 14.09 14.78
N VAL A 243 -16.56 13.57 15.41
CA VAL A 243 -17.90 14.07 15.12
C VAL A 243 -18.07 15.50 15.63
N THR A 244 -17.35 15.87 16.69
CA THR A 244 -17.34 17.26 17.14
C THR A 244 -16.74 18.17 16.06
N ILE A 245 -15.64 17.75 15.46
CA ILE A 245 -15.00 18.54 14.42
C ILE A 245 -15.88 18.61 13.17
N CYS A 246 -16.67 17.57 12.92
CA CYS A 246 -17.63 17.63 11.81
C CYS A 246 -18.76 18.62 12.08
N ASN A 247 -18.96 19.00 13.34
CA ASN A 247 -19.94 20.03 13.69
C ASN A 247 -19.32 21.42 13.75
N ALA A 248 -18.01 21.54 13.54
CA ALA A 248 -17.37 22.84 13.47
C ALA A 248 -17.81 23.65 12.26
N ALA A 249 -18.49 23.02 11.30
CA ALA A 249 -18.97 23.70 10.10
C ALA A 249 -19.84 24.90 10.44
N GLY A 250 -21.06 24.64 10.91
CA GLY A 250 -21.99 25.70 11.19
C GLY A 250 -22.60 26.25 9.92
N PRO A 251 -22.47 27.56 9.71
CA PRO A 251 -23.02 28.17 8.49
C PRO A 251 -22.17 27.92 7.24
N LYS A 252 -20.93 27.48 7.40
CA LYS A 252 -20.08 27.18 6.24
C LYS A 252 -20.60 26.03 5.41
N ALA A 253 -21.61 25.32 5.88
CA ALA A 253 -22.18 24.18 5.15
C ALA A 253 -23.66 24.36 4.86
N LYS A 254 -24.50 24.45 5.91
CA LYS A 254 -25.95 24.56 5.76
C LYS A 254 -26.45 23.35 4.97
N PRO A 255 -27.63 23.39 4.33
CA PRO A 255 -27.77 22.28 3.38
C PRO A 255 -26.78 22.36 2.21
N SER B 3 13.74 -32.25 4.16
CA SER B 3 12.33 -31.94 4.24
C SER B 3 12.04 -30.51 3.81
N ALA B 4 11.07 -30.35 2.92
CA ALA B 4 10.67 -29.03 2.43
C ALA B 4 9.33 -29.11 1.72
N LYS B 5 8.23 -28.86 2.44
CA LYS B 5 6.91 -28.81 1.83
C LYS B 5 6.91 -27.83 0.66
N PHE B 6 6.60 -28.34 -0.53
CA PHE B 6 6.61 -27.54 -1.75
C PHE B 6 5.82 -26.25 -1.55
N PHE B 7 6.40 -25.13 -1.98
CA PHE B 7 5.82 -23.81 -1.77
C PHE B 7 5.53 -23.17 -3.12
N VAL B 8 4.26 -23.04 -3.45
CA VAL B 8 3.84 -22.37 -4.68
C VAL B 8 3.16 -21.07 -4.28
N GLY B 9 3.80 -19.94 -4.58
CA GLY B 9 3.28 -18.63 -4.24
C GLY B 9 2.72 -17.94 -5.47
N GLY B 10 1.49 -17.47 -5.35
CA GLY B 10 0.80 -16.84 -6.46
C GLY B 10 0.60 -15.35 -6.27
N ASN B 11 1.56 -14.55 -6.72
CA ASN B 11 1.52 -13.11 -6.52
C ASN B 11 0.64 -12.51 -7.63
N TRP B 12 -0.57 -12.10 -7.26
CA TRP B 12 -1.48 -11.50 -8.24
C TRP B 12 -0.94 -10.19 -8.78
N LYS B 13 -0.20 -9.44 -7.95
CA LYS B 13 0.27 -8.09 -8.25
C LYS B 13 -0.90 -7.13 -8.44
N SER B 14 -0.60 -5.85 -8.63
CA SER B 14 -1.65 -4.82 -8.68
C SER B 14 -2.66 -5.10 -9.80
N ASN B 15 -3.53 -6.09 -9.59
CA ASN B 15 -4.48 -6.51 -10.60
C ASN B 15 -5.78 -6.91 -9.93
N GLY B 16 -6.86 -6.91 -10.72
CA GLY B 16 -8.12 -7.46 -10.27
C GLY B 16 -9.24 -6.43 -10.17
N SER B 17 -10.44 -6.86 -10.55
CA SER B 17 -11.66 -6.10 -10.36
C SER B 17 -12.47 -6.75 -9.24
N VAL B 18 -13.75 -6.39 -9.15
CA VAL B 18 -14.64 -7.12 -8.25
C VAL B 18 -15.06 -8.44 -8.89
N ALA B 19 -15.37 -8.42 -10.18
CA ALA B 19 -15.77 -9.63 -10.87
C ALA B 19 -14.60 -10.59 -11.02
N ASN B 20 -13.41 -10.07 -11.31
CA ASN B 20 -12.26 -10.93 -11.58
C ASN B 20 -11.78 -11.64 -10.32
N VAL B 21 -11.71 -10.92 -9.20
CA VAL B 21 -11.26 -11.53 -7.96
C VAL B 21 -12.24 -12.60 -7.50
N ALA B 22 -13.55 -12.31 -7.62
CA ALA B 22 -14.55 -13.32 -7.29
C ALA B 22 -14.52 -14.48 -8.27
N LYS B 23 -14.23 -14.19 -9.55
CA LYS B 23 -14.07 -15.26 -10.53
C LYS B 23 -12.83 -16.10 -10.24
N LEU B 24 -11.71 -15.45 -9.92
CA LEU B 24 -10.48 -16.18 -9.62
C LEU B 24 -10.61 -16.97 -8.32
N VAL B 25 -11.39 -16.46 -7.37
CA VAL B 25 -11.66 -17.23 -6.16
C VAL B 25 -12.42 -18.51 -6.50
N ASP B 26 -13.44 -18.40 -7.35
CA ASP B 26 -14.21 -19.57 -7.76
C ASP B 26 -13.33 -20.58 -8.49
N GLU B 27 -12.41 -20.10 -9.32
CA GLU B 27 -11.52 -21.01 -10.05
C GLU B 27 -10.51 -21.66 -9.13
N LEU B 28 -9.88 -20.88 -8.25
CA LEU B 28 -8.95 -21.45 -7.29
C LEU B 28 -9.66 -22.42 -6.34
N ASN B 29 -10.92 -22.13 -6.00
CA ASN B 29 -11.67 -23.04 -5.16
C ASN B 29 -12.02 -24.33 -5.89
N ALA B 30 -12.20 -24.26 -7.21
CA ALA B 30 -12.55 -25.45 -7.98
C ALA B 30 -11.34 -26.35 -8.19
N GLY B 31 -10.14 -25.80 -8.14
CA GLY B 31 -8.95 -26.61 -8.36
C GLY B 31 -8.65 -27.50 -7.16
N THR B 32 -8.01 -28.63 -7.45
CA THR B 32 -7.63 -29.61 -6.43
C THR B 32 -6.12 -29.58 -6.27
N ILE B 33 -5.66 -29.29 -5.06
CA ILE B 33 -4.24 -29.13 -4.76
C ILE B 33 -3.76 -30.42 -4.08
N PRO B 34 -2.61 -30.97 -4.47
CA PRO B 34 -2.15 -32.21 -3.85
C PRO B 34 -1.86 -32.03 -2.37
N ARG B 35 -2.16 -33.08 -1.60
CA ARG B 35 -1.95 -33.05 -0.16
C ARG B 35 -0.48 -32.83 0.18
N GLY B 36 -0.22 -31.83 1.02
CA GLY B 36 1.12 -31.59 1.51
C GLY B 36 1.91 -30.56 0.71
N VAL B 37 1.23 -29.50 0.26
CA VAL B 37 1.86 -28.43 -0.48
C VAL B 37 1.37 -27.10 0.07
N ASP B 38 2.29 -26.25 0.51
CA ASP B 38 1.94 -24.89 0.90
C ASP B 38 1.64 -24.08 -0.35
N VAL B 39 0.40 -23.59 -0.46
CA VAL B 39 -0.01 -22.76 -1.59
C VAL B 39 -0.57 -21.46 -1.02
N VAL B 40 0.01 -20.34 -1.44
CA VAL B 40 -0.30 -19.03 -0.89
C VAL B 40 -0.62 -18.09 -2.04
N VAL B 41 -1.79 -17.46 -1.98
CA VAL B 41 -2.15 -16.39 -2.90
C VAL B 41 -1.94 -15.06 -2.20
N ALA B 42 -1.64 -14.02 -2.99
CA ALA B 42 -1.33 -12.70 -2.44
C ALA B 42 -2.09 -11.64 -3.23
N PRO B 43 -3.34 -11.36 -2.86
CA PRO B 43 -4.11 -10.33 -3.55
C PRO B 43 -3.71 -8.95 -3.05
N PRO B 44 -4.02 -7.90 -3.80
CA PRO B 44 -3.72 -6.55 -3.30
C PRO B 44 -4.64 -6.18 -2.15
N PHE B 45 -4.07 -5.41 -1.22
CA PHE B 45 -4.64 -5.14 0.10
C PHE B 45 -6.16 -5.07 0.17
N ILE B 46 -6.79 -4.35 -0.76
CA ILE B 46 -8.23 -4.09 -0.64
C ILE B 46 -9.04 -5.37 -0.71
N TYR B 47 -8.56 -6.37 -1.44
CA TYR B 47 -9.33 -7.59 -1.69
C TYR B 47 -9.06 -8.68 -0.66
N ILE B 48 -8.19 -8.44 0.32
CA ILE B 48 -7.80 -9.50 1.25
C ILE B 48 -8.98 -9.93 2.10
N ASP B 49 -9.79 -8.98 2.56
CA ASP B 49 -10.93 -9.30 3.41
C ASP B 49 -11.86 -10.28 2.70
N TYR B 50 -12.04 -10.12 1.39
CA TYR B 50 -12.92 -11.00 0.64
C TYR B 50 -12.27 -12.35 0.37
N VAL B 51 -11.01 -12.35 -0.10
CA VAL B 51 -10.34 -13.61 -0.38
C VAL B 51 -10.14 -14.40 0.91
N MET B 52 -9.88 -13.70 2.02
CA MET B 52 -9.85 -14.37 3.32
C MET B 52 -11.17 -15.10 3.60
N GLN B 53 -12.28 -14.48 3.22
CA GLN B 53 -13.61 -14.94 3.57
C GLN B 53 -14.18 -15.96 2.59
N HIS B 54 -13.57 -16.11 1.41
CA HIS B 54 -14.18 -16.91 0.34
C HIS B 54 -13.25 -17.93 -0.29
N LEU B 55 -11.94 -17.85 -0.06
CA LEU B 55 -11.04 -18.89 -0.51
C LEU B 55 -11.08 -20.07 0.46
N ASP B 56 -10.95 -21.28 -0.08
CA ASP B 56 -11.07 -22.48 0.73
C ASP B 56 -9.89 -22.57 1.70
N ARG B 57 -10.21 -22.55 3.01
CA ARG B 57 -9.17 -22.42 4.03
C ARG B 57 -8.21 -23.60 4.03
N ASP B 58 -8.67 -24.77 3.62
CA ASP B 58 -7.84 -25.97 3.70
C ASP B 58 -6.81 -26.04 2.58
N LYS B 59 -7.10 -25.43 1.43
CA LYS B 59 -6.26 -25.57 0.25
C LYS B 59 -5.26 -24.42 0.08
N TYR B 60 -5.61 -23.21 0.48
CA TYR B 60 -4.74 -22.06 0.33
C TYR B 60 -4.64 -21.29 1.64
N GLN B 61 -3.51 -20.59 1.80
CA GLN B 61 -3.34 -19.59 2.82
C GLN B 61 -3.12 -18.23 2.15
N LEU B 62 -3.39 -17.17 2.89
CA LEU B 62 -3.35 -15.83 2.30
C LEU B 62 -1.98 -15.20 2.48
N SER B 63 -1.81 -14.04 1.84
CA SER B 63 -0.58 -13.27 1.94
C SER B 63 -0.87 -11.82 1.57
N ALA B 64 0.05 -10.94 1.97
CA ALA B 64 0.02 -9.55 1.56
C ALA B 64 1.23 -9.25 0.69
N GLN B 65 1.03 -8.36 -0.28
CA GLN B 65 2.09 -8.09 -1.25
C GLN B 65 3.19 -7.18 -0.69
N ASN B 66 2.97 -6.56 0.46
CA ASN B 66 3.96 -5.68 1.06
C ASN B 66 3.55 -5.39 2.50
N ALA B 67 4.50 -4.86 3.27
CA ALA B 67 4.25 -4.44 4.64
C ALA B 67 5.23 -3.34 5.00
N TRP B 68 4.78 -2.43 5.86
CA TRP B 68 5.59 -1.27 6.24
C TRP B 68 6.79 -1.71 7.08
N ILE B 69 7.89 -0.96 6.94
CA ILE B 69 9.12 -1.29 7.64
C ILE B 69 8.97 -1.10 9.14
N GLY B 70 8.12 -0.16 9.58
CA GLY B 70 7.90 0.09 10.98
C GLY B 70 6.55 -0.41 11.45
N GLY B 71 6.24 -0.06 12.69
CA GLY B 71 4.96 -0.43 13.28
C GLY B 71 3.84 0.46 12.80
N ASN B 72 2.93 0.82 13.70
CA ASN B 72 1.84 1.72 13.35
C ASN B 72 2.33 3.17 13.33
N GLY B 73 1.52 4.09 13.84
CA GLY B 73 1.89 5.48 13.85
C GLY B 73 1.34 6.25 12.67
N ALA B 74 1.90 7.44 12.47
CA ALA B 74 1.44 8.36 11.42
C ALA B 74 2.25 8.09 10.15
N PHE B 75 1.80 7.10 9.38
CA PHE B 75 2.44 6.73 8.11
C PHE B 75 1.32 6.48 7.10
N THR B 76 0.96 7.53 6.35
CA THR B 76 -0.17 7.44 5.44
C THR B 76 0.10 6.44 4.32
N GLY B 77 -0.92 5.66 3.99
CA GLY B 77 -0.87 4.69 2.89
C GLY B 77 -0.36 3.32 3.26
N GLU B 78 0.64 3.26 4.13
CA GLU B 78 1.28 1.99 4.46
C GLU B 78 0.40 1.15 5.39
N VAL B 79 0.55 -0.16 5.26
CA VAL B 79 -0.10 -1.14 6.13
C VAL B 79 0.98 -1.81 6.98
N SER B 80 0.78 -1.80 8.30
CA SER B 80 1.79 -2.29 9.20
C SER B 80 1.80 -3.81 9.27
N ALA B 81 2.95 -4.37 9.64
CA ALA B 81 3.06 -5.81 9.80
C ALA B 81 2.28 -6.32 11.01
N GLU B 82 1.96 -5.45 11.95
CA GLU B 82 1.11 -5.84 13.08
C GLU B 82 -0.36 -5.84 12.69
N GLN B 83 -0.77 -4.88 11.87
CA GLN B 83 -2.15 -4.83 11.38
C GLN B 83 -2.52 -6.10 10.63
N LEU B 84 -1.53 -6.79 10.06
CA LEU B 84 -1.79 -7.96 9.23
C LEU B 84 -2.02 -9.20 10.08
N THR B 85 -1.12 -9.47 11.03
CA THR B 85 -1.27 -10.66 11.88
C THR B 85 -2.56 -10.60 12.69
N ASP B 86 -2.94 -9.41 13.15
CA ASP B 86 -4.21 -9.28 13.85
C ASP B 86 -5.38 -9.46 12.91
N PHE B 87 -5.22 -9.09 11.63
CA PHE B 87 -6.28 -9.28 10.66
C PHE B 87 -6.41 -10.73 10.22
N GLY B 88 -5.37 -11.54 10.40
CA GLY B 88 -5.42 -12.96 10.09
C GLY B 88 -4.51 -13.41 8.97
N VAL B 89 -3.77 -12.51 8.32
CA VAL B 89 -2.91 -12.88 7.20
C VAL B 89 -1.67 -13.59 7.74
N PRO B 90 -1.26 -14.71 7.16
CA PRO B 90 -0.08 -15.41 7.69
C PRO B 90 1.22 -15.11 6.97
N TRP B 91 1.17 -14.69 5.71
CA TRP B 91 2.35 -14.46 4.90
C TRP B 91 2.40 -13.03 4.39
N VAL B 92 3.56 -12.68 3.82
CA VAL B 92 3.77 -11.37 3.21
C VAL B 92 5.00 -11.46 2.32
N ILE B 93 4.92 -10.85 1.15
CA ILE B 93 6.05 -10.82 0.22
C ILE B 93 6.81 -9.52 0.43
N LEU B 94 8.06 -9.63 0.86
CA LEU B 94 8.89 -8.47 1.17
C LEU B 94 10.15 -8.53 0.33
N GLY B 95 10.40 -7.46 -0.44
CA GLY B 95 11.59 -7.38 -1.24
C GLY B 95 11.42 -7.75 -2.69
N HIS B 96 10.22 -7.58 -3.24
CA HIS B 96 10.02 -7.84 -4.67
C HIS B 96 10.89 -6.89 -5.49
N SER B 97 11.28 -7.34 -6.68
CA SER B 97 12.08 -6.53 -7.59
C SER B 97 11.30 -5.36 -8.17
N GLU B 98 9.98 -5.34 -8.00
CA GLU B 98 9.14 -4.23 -8.39
C GLU B 98 9.08 -3.15 -7.31
N ARG B 99 9.71 -3.40 -6.16
CA ARG B 99 9.86 -2.42 -5.10
C ARG B 99 11.31 -2.10 -4.79
N ARG B 100 12.22 -3.07 -4.91
CA ARG B 100 13.65 -2.78 -4.78
C ARG B 100 14.09 -1.77 -5.83
N SER B 101 13.48 -1.79 -7.01
CA SER B 101 13.80 -0.89 -8.11
C SER B 101 12.91 0.34 -8.15
N LEU B 102 11.59 0.15 -8.15
CA LEU B 102 10.67 1.26 -8.37
C LEU B 102 10.46 2.12 -7.14
N PHE B 103 10.73 1.61 -5.95
CA PHE B 103 10.62 2.40 -4.72
C PHE B 103 11.95 2.54 -3.99
N GLY B 104 13.05 2.08 -4.60
CA GLY B 104 14.36 2.26 -3.99
C GLY B 104 14.57 1.49 -2.71
N GLU B 105 13.96 0.32 -2.57
CA GLU B 105 14.11 -0.51 -1.37
C GLU B 105 15.45 -1.23 -1.45
N SER B 106 16.38 -0.88 -0.58
CA SER B 106 17.69 -1.51 -0.56
C SER B 106 17.62 -2.86 0.15
N ASN B 107 18.76 -3.56 0.19
CA ASN B 107 18.80 -4.85 0.87
C ASN B 107 18.66 -4.67 2.37
N GLU B 108 19.31 -3.65 2.93
CA GLU B 108 19.24 -3.41 4.36
C GLU B 108 17.86 -2.96 4.80
N VAL B 109 17.10 -2.32 3.92
CA VAL B 109 15.71 -2.00 4.23
C VAL B 109 14.84 -3.25 4.15
N VAL B 110 15.00 -4.03 3.07
CA VAL B 110 14.22 -5.26 2.90
C VAL B 110 14.55 -6.24 4.02
N ALA B 111 15.81 -6.31 4.42
CA ALA B 111 16.19 -7.18 5.53
C ALA B 111 15.56 -6.72 6.83
N LYS B 112 15.64 -5.41 7.12
CA LYS B 112 14.96 -4.87 8.28
C LYS B 112 13.44 -4.97 8.14
N LYS B 113 12.93 -4.87 6.90
CA LYS B 113 11.51 -5.06 6.66
C LYS B 113 11.08 -6.48 7.00
N THR B 114 11.98 -7.44 6.85
CA THR B 114 11.66 -8.85 7.10
C THR B 114 11.75 -9.20 8.58
N SER B 115 12.82 -8.75 9.25
CA SER B 115 12.99 -9.05 10.66
C SER B 115 11.90 -8.40 11.51
N HIS B 116 11.40 -7.24 11.08
CA HIS B 116 10.29 -6.62 11.80
C HIS B 116 8.99 -7.39 11.56
N ALA B 117 8.80 -7.91 10.35
CA ALA B 117 7.60 -8.69 10.07
C ALA B 117 7.65 -10.06 10.72
N LEU B 118 8.85 -10.65 10.83
CA LEU B 118 8.98 -11.93 11.52
C LEU B 118 8.61 -11.79 12.99
N ALA B 119 9.15 -10.78 13.67
CA ALA B 119 8.82 -10.54 15.06
C ALA B 119 7.37 -10.11 15.25
N ALA B 120 6.71 -9.63 14.21
CA ALA B 120 5.29 -9.30 14.28
C ALA B 120 4.40 -10.52 14.18
N GLY B 121 4.96 -11.71 14.00
CA GLY B 121 4.19 -12.92 13.90
C GLY B 121 3.87 -13.39 12.49
N LEU B 122 4.66 -12.97 11.50
CA LEU B 122 4.38 -13.27 10.10
C LEU B 122 5.42 -14.22 9.52
N GLY B 123 5.09 -14.78 8.37
CA GLY B 123 6.03 -15.50 7.53
C GLY B 123 6.33 -14.65 6.31
N VAL B 124 7.61 -14.63 5.91
CA VAL B 124 8.10 -13.72 4.88
C VAL B 124 8.55 -14.53 3.67
N ILE B 125 8.05 -14.15 2.50
CA ILE B 125 8.58 -14.67 1.23
C ILE B 125 9.61 -13.65 0.77
N ALA B 126 10.82 -13.75 1.34
CA ALA B 126 11.88 -12.80 1.04
C ALA B 126 12.42 -13.04 -0.36
N CYS B 127 12.31 -12.02 -1.21
CA CYS B 127 12.70 -12.12 -2.61
C CYS B 127 14.08 -11.52 -2.85
N ILE B 128 14.85 -12.17 -3.72
CA ILE B 128 16.15 -11.68 -4.15
C ILE B 128 16.23 -11.77 -5.67
N GLY B 129 17.40 -11.50 -6.22
CA GLY B 129 17.61 -11.65 -7.65
C GLY B 129 18.40 -10.53 -8.30
N GLU B 130 19.07 -10.84 -9.40
CA GLU B 130 19.85 -9.90 -10.17
C GLU B 130 19.03 -9.43 -11.37
N THR B 131 19.60 -8.48 -12.13
CA THR B 131 18.98 -7.97 -13.34
C THR B 131 19.80 -8.38 -14.56
N LEU B 132 19.35 -7.91 -15.73
CA LEU B 132 20.14 -8.10 -16.95
C LEU B 132 21.45 -7.33 -16.87
N GLU B 133 21.43 -6.16 -16.22
CA GLU B 133 22.65 -5.39 -16.00
C GLU B 133 23.69 -6.19 -15.23
N GLN B 134 23.24 -6.98 -14.25
CA GLN B 134 24.15 -7.68 -13.36
C GLN B 134 24.56 -9.05 -13.88
N ARG B 135 23.63 -9.78 -14.51
CA ARG B 135 23.94 -11.12 -15.01
C ARG B 135 25.10 -11.09 -16.01
N ASN B 136 25.04 -10.18 -16.98
CA ASN B 136 26.07 -10.13 -18.01
C ASN B 136 27.43 -9.79 -17.42
N SER B 137 27.48 -8.82 -16.52
CA SER B 137 28.74 -8.44 -15.88
C SER B 137 29.25 -9.49 -14.89
N GLY B 138 28.62 -10.66 -14.80
CA GLY B 138 29.09 -11.70 -13.90
C GLY B 138 28.94 -11.36 -12.44
N SER B 139 28.18 -10.30 -12.14
CA SER B 139 28.02 -9.82 -10.78
C SER B 139 27.06 -10.67 -9.96
N VAL B 140 26.49 -11.72 -10.53
CA VAL B 140 25.53 -12.56 -9.80
C VAL B 140 26.16 -13.15 -8.56
N PHE B 141 27.48 -13.37 -8.58
CA PHE B 141 28.17 -13.83 -7.39
C PHE B 141 28.04 -12.84 -6.25
N LYS B 142 28.34 -11.57 -6.51
CA LYS B 142 28.27 -10.55 -5.47
C LYS B 142 26.84 -10.12 -5.19
N VAL B 143 26.01 -10.00 -6.23
CA VAL B 143 24.69 -9.38 -6.09
C VAL B 143 23.85 -10.14 -5.07
N LEU B 144 23.84 -11.46 -5.16
CA LEU B 144 23.04 -12.24 -4.21
C LEU B 144 23.69 -12.29 -2.83
N ASP B 145 25.02 -12.40 -2.78
CA ASP B 145 25.71 -12.45 -1.49
C ASP B 145 25.52 -11.15 -0.71
N ALA B 146 25.34 -10.03 -1.40
CA ALA B 146 25.05 -8.78 -0.71
C ALA B 146 23.57 -8.67 -0.37
N GLN B 147 22.69 -9.20 -1.23
CA GLN B 147 21.27 -9.24 -0.90
C GLN B 147 21.00 -10.23 0.23
N MET B 148 21.81 -11.29 0.33
CA MET B 148 21.55 -12.32 1.32
C MET B 148 22.16 -11.97 2.68
N ASP B 149 23.37 -11.39 2.69
CA ASP B 149 24.02 -11.06 3.95
C ASP B 149 23.15 -10.15 4.80
N ALA B 150 22.47 -9.19 4.17
CA ALA B 150 21.57 -8.32 4.92
C ALA B 150 20.49 -9.12 5.63
N LEU B 151 19.93 -10.12 4.95
CA LEU B 151 18.93 -10.98 5.58
C LEU B 151 19.53 -11.77 6.73
N VAL B 152 20.72 -12.33 6.52
CA VAL B 152 21.42 -13.03 7.61
C VAL B 152 21.78 -12.05 8.72
N ASP B 153 22.11 -10.82 8.36
CA ASP B 153 22.45 -9.80 9.35
C ASP B 153 21.25 -9.42 10.21
N GLU B 154 20.03 -9.70 9.74
CA GLU B 154 18.81 -9.31 10.44
C GLU B 154 18.00 -10.50 10.91
N VAL B 155 17.70 -11.45 10.02
CA VAL B 155 16.81 -12.56 10.35
C VAL B 155 17.46 -13.44 11.42
N LYS B 156 16.71 -13.72 12.48
CA LYS B 156 17.20 -14.53 13.59
C LYS B 156 16.49 -15.87 13.73
N ASP B 157 15.42 -16.10 12.97
CA ASP B 157 14.72 -17.39 13.00
C ASP B 157 14.16 -17.65 11.61
N TRP B 158 14.77 -18.58 10.89
CA TRP B 158 14.38 -18.88 9.52
C TRP B 158 13.24 -19.88 9.42
N THR B 159 12.59 -20.19 10.55
CA THR B 159 11.51 -21.17 10.54
C THR B 159 10.39 -20.75 9.58
N LYS B 160 10.13 -19.45 9.48
CA LYS B 160 8.99 -18.93 8.73
C LYS B 160 9.43 -18.15 7.49
N VAL B 161 10.64 -18.36 7.01
CA VAL B 161 11.20 -17.61 5.88
C VAL B 161 11.21 -18.50 4.65
N VAL B 162 10.76 -17.95 3.53
CA VAL B 162 10.82 -18.60 2.22
C VAL B 162 11.61 -17.69 1.30
N LEU B 163 12.73 -18.19 0.79
CA LEU B 163 13.69 -17.38 0.02
C LEU B 163 13.40 -17.55 -1.47
N ALA B 164 12.79 -16.53 -2.06
CA ALA B 164 12.45 -16.56 -3.48
C ALA B 164 13.56 -15.94 -4.31
N TYR B 165 13.97 -16.64 -5.38
CA TYR B 165 14.96 -16.13 -6.32
C TYR B 165 14.22 -15.69 -7.58
N GLU B 166 14.01 -14.38 -7.72
CA GLU B 166 13.41 -13.82 -8.91
C GLU B 166 14.48 -13.14 -9.75
N PRO B 167 14.95 -13.76 -10.84
CA PRO B 167 15.86 -13.05 -11.75
C PRO B 167 15.08 -11.99 -12.52
N VAL B 168 15.47 -10.73 -12.36
CA VAL B 168 14.72 -9.63 -12.95
C VAL B 168 14.78 -9.68 -14.47
N TRP B 169 15.89 -10.18 -15.02
CA TRP B 169 16.02 -10.38 -16.46
C TRP B 169 15.09 -11.50 -16.93
N ALA B 170 14.27 -12.01 -16.01
CA ALA B 170 13.31 -13.06 -16.31
C ALA B 170 12.00 -12.87 -15.56
N ILE B 171 11.73 -11.69 -14.99
CA ILE B 171 10.54 -11.53 -14.17
C ILE B 171 9.33 -11.16 -15.02
N GLY B 172 9.45 -10.12 -15.83
CA GLY B 172 8.32 -9.68 -16.62
C GLY B 172 8.49 -9.86 -18.10
N THR B 173 9.63 -10.41 -18.51
CA THR B 173 10.01 -10.43 -19.91
C THR B 173 9.71 -11.75 -20.61
N GLY B 174 9.33 -12.79 -19.86
CA GLY B 174 8.90 -14.04 -20.46
C GLY B 174 10.00 -15.04 -20.76
N VAL B 175 11.26 -14.63 -20.73
CA VAL B 175 12.34 -15.60 -20.89
C VAL B 175 12.57 -16.26 -19.53
N VAL B 176 11.85 -17.33 -19.26
CA VAL B 176 12.05 -18.07 -18.02
C VAL B 176 13.46 -18.61 -17.99
N ALA B 177 14.17 -18.38 -16.89
CA ALA B 177 15.50 -18.94 -16.73
C ALA B 177 15.43 -20.45 -16.85
N SER B 178 16.23 -21.01 -17.76
CA SER B 178 16.18 -22.43 -18.04
C SER B 178 16.43 -23.23 -16.77
N PRO B 179 15.92 -24.46 -16.72
CA PRO B 179 16.13 -25.30 -15.52
C PRO B 179 17.57 -25.34 -15.04
N GLU B 180 18.52 -25.57 -15.95
CA GLU B 180 19.92 -25.63 -15.55
C GLU B 180 20.48 -24.28 -15.12
N GLN B 181 19.85 -23.18 -15.54
CA GLN B 181 20.25 -21.86 -15.06
C GLN B 181 19.71 -21.62 -13.66
N ALA B 182 18.40 -21.71 -13.49
CA ALA B 182 17.75 -21.47 -12.21
C ALA B 182 18.06 -22.53 -11.16
N GLN B 183 18.81 -23.57 -11.50
CA GLN B 183 19.27 -24.56 -10.54
C GLN B 183 20.69 -24.30 -10.08
N GLU B 184 21.57 -23.86 -11.00
CA GLU B 184 22.92 -23.49 -10.62
C GLU B 184 22.93 -22.33 -9.63
N VAL B 185 21.91 -21.47 -9.68
CA VAL B 185 21.80 -20.38 -8.71
C VAL B 185 21.21 -20.88 -7.41
N HIS B 186 20.19 -21.74 -7.47
CA HIS B 186 19.59 -22.28 -6.26
C HIS B 186 20.57 -23.14 -5.48
N ALA B 187 21.45 -23.85 -6.19
CA ALA B 187 22.47 -24.65 -5.51
C ALA B 187 23.44 -23.76 -4.74
N TYR B 188 23.75 -22.58 -5.30
CA TYR B 188 24.57 -21.61 -4.58
C TYR B 188 23.91 -21.21 -3.27
N LEU B 189 22.67 -20.72 -3.35
CA LEU B 189 21.98 -20.24 -2.15
C LEU B 189 21.87 -21.31 -1.07
N ARG B 190 21.76 -22.58 -1.47
CA ARG B 190 21.70 -23.67 -0.50
C ARG B 190 23.01 -23.80 0.26
N GLN B 191 24.11 -24.04 -0.47
CA GLN B 191 25.41 -24.19 0.16
C GLN B 191 26.00 -22.85 0.60
N TYR B 192 25.33 -21.73 0.32
CA TYR B 192 25.69 -20.44 0.90
C TYR B 192 25.04 -20.25 2.26
N CYS B 193 23.74 -20.55 2.37
CA CYS B 193 23.08 -20.57 3.67
C CYS B 193 23.64 -21.64 4.59
N ALA B 194 24.40 -22.60 4.06
CA ALA B 194 25.04 -23.59 4.93
C ALA B 194 26.24 -22.99 5.66
N LYS B 195 26.94 -22.04 5.04
CA LYS B 195 28.09 -21.42 5.70
C LYS B 195 27.64 -20.44 6.79
N LYS B 196 26.81 -19.47 6.41
CA LYS B 196 26.36 -18.44 7.37
C LYS B 196 25.53 -19.06 8.50
N LEU B 197 24.52 -19.85 8.15
CA LEU B 197 23.62 -20.44 9.15
C LEU B 197 24.17 -21.80 9.61
N GLY B 198 24.06 -22.81 8.76
CA GLY B 198 24.44 -24.16 9.11
C GLY B 198 23.55 -25.18 8.42
N ALA B 199 24.16 -26.14 7.72
CA ALA B 199 23.47 -27.06 6.81
C ALA B 199 22.16 -27.62 7.36
N ALA B 200 22.03 -27.68 8.69
CA ALA B 200 20.76 -28.10 9.29
C ALA B 200 19.64 -27.14 8.91
N VAL B 201 19.91 -25.84 8.98
CA VAL B 201 18.89 -24.84 8.62
C VAL B 201 18.72 -24.78 7.11
N ALA B 202 19.82 -24.89 6.36
CA ALA B 202 19.75 -24.73 4.91
C ALA B 202 18.97 -25.86 4.25
N ASP B 203 19.20 -27.10 4.68
CA ASP B 203 18.50 -28.24 4.10
C ASP B 203 17.02 -28.26 4.45
N LYS B 204 16.59 -27.43 5.40
CA LYS B 204 15.18 -27.29 5.75
C LYS B 204 14.53 -26.08 5.11
N LEU B 205 15.32 -25.06 4.77
CA LEU B 205 14.78 -23.84 4.18
C LEU B 205 14.25 -24.10 2.78
N ARG B 206 13.18 -23.37 2.42
CA ARG B 206 12.55 -23.46 1.11
C ARG B 206 13.12 -22.36 0.22
N ILE B 207 13.85 -22.76 -0.82
CA ILE B 207 14.35 -21.81 -1.81
C ILE B 207 13.51 -21.93 -3.07
N ILE B 208 12.36 -21.25 -3.10
CA ILE B 208 11.46 -21.31 -4.23
C ILE B 208 12.06 -20.50 -5.39
N TYR B 209 11.39 -20.52 -6.53
CA TYR B 209 11.85 -19.84 -7.73
C TYR B 209 10.80 -18.87 -8.23
N GLY B 210 11.23 -17.65 -8.56
CA GLY B 210 10.30 -16.62 -8.95
C GLY B 210 10.55 -16.03 -10.32
N GLY B 211 10.73 -16.87 -11.32
CA GLY B 211 10.85 -16.43 -12.70
C GLY B 211 9.50 -16.28 -13.35
N SER B 212 9.47 -16.46 -14.67
CA SER B 212 8.23 -16.41 -15.44
C SER B 212 7.71 -17.84 -15.60
N VAL B 213 7.05 -18.31 -14.55
CA VAL B 213 6.53 -19.68 -14.49
C VAL B 213 5.17 -19.73 -15.15
N SER B 214 4.91 -20.83 -15.86
CA SER B 214 3.64 -21.06 -16.52
C SER B 214 3.26 -22.53 -16.32
N ASP B 215 2.20 -22.95 -17.01
CA ASP B 215 1.77 -24.35 -16.92
C ASP B 215 2.79 -25.28 -17.56
N THR B 216 3.49 -24.80 -18.57
CA THR B 216 4.38 -25.65 -19.37
C THR B 216 5.69 -25.90 -18.65
N ASN B 217 6.39 -24.83 -18.26
CA ASN B 217 7.79 -24.90 -17.87
C ASN B 217 8.01 -25.24 -16.41
N CYS B 218 6.97 -25.27 -15.57
CA CYS B 218 7.14 -25.69 -14.18
C CYS B 218 7.52 -27.16 -14.08
N LYS B 219 7.21 -27.97 -15.09
CA LYS B 219 7.55 -29.38 -15.09
C LYS B 219 9.05 -29.59 -14.97
N ASP B 220 9.83 -28.97 -15.87
CA ASP B 220 11.27 -29.20 -15.90
C ASP B 220 11.99 -28.47 -14.77
N LEU B 221 11.39 -27.42 -14.21
CA LEU B 221 12.01 -26.73 -13.08
C LEU B 221 11.83 -27.52 -11.78
N SER B 222 10.62 -28.05 -11.56
CA SER B 222 10.34 -28.73 -10.31
C SER B 222 11.13 -30.03 -10.15
N LYS B 223 11.72 -30.55 -11.22
CA LYS B 223 12.57 -31.72 -11.12
C LYS B 223 13.95 -31.38 -10.57
N GLN B 224 14.38 -30.14 -10.71
CA GLN B 224 15.71 -29.75 -10.26
C GLN B 224 15.81 -29.91 -8.74
N GLU B 225 17.04 -30.14 -8.27
CA GLU B 225 17.24 -30.51 -6.88
C GLU B 225 16.86 -29.38 -5.93
N ASP B 226 17.55 -28.24 -6.04
CA ASP B 226 17.43 -27.15 -5.07
C ASP B 226 16.30 -26.18 -5.40
N ILE B 227 15.30 -26.61 -6.15
CA ILE B 227 14.12 -25.81 -6.43
C ILE B 227 12.97 -26.40 -5.61
N ASP B 228 12.61 -25.71 -4.52
CA ASP B 228 11.60 -26.19 -3.58
C ASP B 228 10.22 -25.59 -3.84
N GLY B 229 10.04 -24.85 -4.91
CA GLY B 229 8.73 -24.28 -5.18
C GLY B 229 8.80 -23.18 -6.23
N PHE B 230 7.78 -22.33 -6.20
CA PHE B 230 7.60 -21.31 -7.23
C PHE B 230 7.00 -20.05 -6.64
N LEU B 231 7.40 -18.91 -7.20
CA LEU B 231 6.68 -17.64 -7.04
C LEU B 231 6.09 -17.31 -8.40
N VAL B 232 4.78 -17.42 -8.52
CA VAL B 232 4.08 -17.29 -9.79
C VAL B 232 3.38 -15.94 -9.81
N GLY B 233 3.56 -15.18 -10.89
CA GLY B 233 2.95 -13.88 -11.02
C GLY B 233 1.83 -13.81 -12.03
N GLY B 234 2.16 -13.99 -13.31
CA GLY B 234 1.16 -13.85 -14.37
C GLY B 234 0.16 -14.99 -14.40
N ALA B 235 0.66 -16.23 -14.27
CA ALA B 235 -0.22 -17.40 -14.29
C ALA B 235 -1.12 -17.47 -13.07
N SER B 236 -0.74 -16.84 -11.95
CA SER B 236 -1.54 -16.87 -10.75
C SER B 236 -2.88 -16.16 -10.92
N LEU B 237 -3.00 -15.29 -11.93
CA LEU B 237 -4.27 -14.63 -12.19
C LEU B 237 -5.25 -15.53 -12.94
N LYS B 238 -4.75 -16.58 -13.58
CA LYS B 238 -5.60 -17.57 -14.23
C LYS B 238 -5.75 -18.78 -13.32
N GLY B 239 -6.99 -19.21 -13.10
CA GLY B 239 -7.30 -20.24 -12.12
C GLY B 239 -6.59 -21.57 -12.31
N ALA B 240 -7.03 -22.35 -13.31
CA ALA B 240 -6.44 -23.65 -13.54
C ALA B 240 -4.96 -23.55 -13.94
N ALA B 241 -4.52 -22.39 -14.40
CA ALA B 241 -3.10 -22.21 -14.68
C ALA B 241 -2.28 -22.27 -13.39
N PHE B 242 -2.81 -21.72 -12.30
CA PHE B 242 -2.12 -21.81 -11.03
C PHE B 242 -2.19 -23.23 -10.46
N VAL B 243 -3.36 -23.87 -10.55
CA VAL B 243 -3.54 -25.20 -10.00
C VAL B 243 -2.61 -26.21 -10.67
N THR B 244 -2.34 -26.04 -11.96
CA THR B 244 -1.39 -26.91 -12.64
C THR B 244 -0.01 -26.82 -12.01
N ILE B 245 0.45 -25.60 -11.73
CA ILE B 245 1.78 -25.41 -11.16
C ILE B 245 1.82 -25.91 -9.72
N CYS B 246 0.71 -25.79 -8.98
CA CYS B 246 0.64 -26.33 -7.63
C CYS B 246 0.72 -27.85 -7.60
N ASN B 247 0.51 -28.50 -8.76
CA ASN B 247 0.59 -29.95 -8.85
C ASN B 247 1.96 -30.45 -9.32
N ALA B 248 2.78 -29.59 -9.92
CA ALA B 248 4.11 -29.98 -10.36
C ALA B 248 5.05 -30.34 -9.21
N ALA B 249 4.58 -30.32 -7.96
CA ALA B 249 5.42 -30.67 -6.83
C ALA B 249 5.98 -32.08 -6.97
N GLY B 250 5.09 -33.08 -6.98
CA GLY B 250 5.50 -34.46 -7.07
C GLY B 250 5.98 -35.01 -5.74
N PRO B 251 7.14 -35.68 -5.75
CA PRO B 251 7.66 -36.27 -4.52
C PRO B 251 8.26 -35.26 -3.55
N LYS B 252 8.37 -33.99 -3.92
CA LYS B 252 8.85 -32.94 -3.03
C LYS B 252 7.75 -32.43 -2.10
N ALA B 253 6.58 -33.08 -2.12
CA ALA B 253 5.43 -32.68 -1.31
C ALA B 253 5.34 -33.60 -0.10
N LYS B 254 5.76 -33.10 1.05
CA LYS B 254 5.62 -33.84 2.30
C LYS B 254 4.17 -33.85 2.73
N PRO B 255 3.47 -35.00 2.73
CA PRO B 255 2.04 -35.06 3.05
C PRO B 255 1.76 -34.80 4.53
#